data_4QVC
#
_entry.id   4QVC
#
_cell.length_a   59.236
_cell.length_b   67.989
_cell.length_c   111.183
_cell.angle_alpha   90.000
_cell.angle_beta   90.000
_cell.angle_gamma   90.000
#
_symmetry.space_group_name_H-M   'P 21 21 21'
#
loop_
_entity.id
_entity.type
_entity.pdbx_description
1 polymer 'RNA-binding protein Hfq'
2 polymer "RNA (5'-R(*AP*U*AP*AP*CP*UP*A)-3')"
3 water water
#
loop_
_entity_poly.entity_id
_entity_poly.type
_entity_poly.pdbx_seq_one_letter_code
_entity_poly.pdbx_strand_id
1 'polypeptide(L)' MAKGQSLQDPFLNALRRERVPVSIYLVNGIKLQGQIESFDQFVILLKNTVSQMVYKHAISTVVPS A,B,C,D,E,F
2 'polyribonucleotide' AUAACUA G
#
loop_
_chem_comp.id
_chem_comp.type
_chem_comp.name
_chem_comp.formula
A RNA linking ADENOSINE-5'-MONOPHOSPHATE 'C10 H14 N5 O7 P'
C RNA linking CYTIDINE-5'-MONOPHOSPHATE 'C9 H14 N3 O8 P'
U RNA linking URIDINE-5'-MONOPHOSPHATE 'C9 H13 N2 O9 P'
#
# COMPACT_ATOMS: atom_id res chain seq x y z
N SER A 6 8.02 18.91 10.04
CA SER A 6 7.84 18.31 8.69
C SER A 6 9.04 18.58 7.80
N LEU A 7 9.67 17.52 7.30
CA LEU A 7 10.85 17.64 6.46
C LEU A 7 10.49 17.73 4.99
N GLN A 8 9.31 17.21 4.62
CA GLN A 8 8.85 17.24 3.23
C GLN A 8 8.77 18.65 2.65
N ASP A 9 8.11 19.54 3.38
CA ASP A 9 7.89 20.91 2.88
C ASP A 9 9.20 21.61 2.54
N PRO A 10 10.13 21.70 3.51
CA PRO A 10 11.40 22.39 3.15
C PRO A 10 12.13 21.69 2.04
N PHE A 11 12.25 20.37 2.13
CA PHE A 11 12.96 19.61 1.12
C PHE A 11 12.39 19.89 -0.26
N LEU A 12 11.08 19.72 -0.41
CA LEU A 12 10.44 19.92 -1.71
C LEU A 12 10.44 21.41 -2.13
N ASN A 13 10.12 22.32 -1.20
CA ASN A 13 10.21 23.76 -1.51
C ASN A 13 11.61 24.19 -1.96
N ALA A 14 12.65 23.68 -1.29
CA ALA A 14 14.01 24.04 -1.67
C ALA A 14 14.22 23.67 -3.13
N LEU A 15 13.82 22.45 -3.50
CA LEU A 15 13.92 22.00 -4.90
C LEU A 15 13.08 22.82 -5.88
N ARG A 16 11.95 23.33 -5.39
CA ARG A 16 11.09 24.19 -6.20
C ARG A 16 11.78 25.52 -6.47
N ARG A 17 12.22 26.19 -5.39
CA ARG A 17 12.86 27.52 -5.47
C ARG A 17 14.12 27.56 -6.34
N GLU A 18 14.94 26.51 -6.31
CA GLU A 18 16.18 26.48 -7.10
C GLU A 18 16.02 25.81 -8.48
N ARG A 19 14.79 25.50 -8.88
CA ARG A 19 14.51 24.94 -10.22
C ARG A 19 15.23 23.60 -10.52
N VAL A 20 15.57 22.85 -9.46
CA VAL A 20 16.40 21.64 -9.58
C VAL A 20 15.72 20.55 -10.41
N PRO A 21 16.40 20.02 -11.44
CA PRO A 21 15.86 18.83 -12.11
C PRO A 21 15.88 17.57 -11.22
N VAL A 22 14.70 17.01 -10.96
CA VAL A 22 14.58 15.93 -10.01
C VAL A 22 14.20 14.64 -10.69
N SER A 23 14.51 13.56 -9.98
CA SER A 23 14.00 12.25 -10.32
C SER A 23 13.01 11.91 -9.22
N ILE A 24 11.82 11.46 -9.62
CA ILE A 24 10.86 10.96 -8.65
C ILE A 24 10.80 9.48 -8.98
N TYR A 25 11.29 8.64 -8.08
CA TYR A 25 11.17 7.20 -8.28
C TYR A 25 9.86 6.72 -7.66
N LEU A 26 9.14 5.91 -8.41
CA LEU A 26 7.94 5.28 -7.90
C LEU A 26 8.21 3.91 -7.26
N VAL A 27 7.26 3.44 -6.46
CA VAL A 27 7.42 2.19 -5.74
C VAL A 27 7.59 0.99 -6.67
N ASN A 28 7.06 1.11 -7.89
CA ASN A 28 7.10 0.03 -8.88
C ASN A 28 8.33 0.07 -9.85
N GLY A 29 9.29 0.95 -9.63
CA GLY A 29 10.51 0.97 -10.42
C GLY A 29 10.63 2.11 -11.44
N ILE A 30 9.49 2.72 -11.77
CA ILE A 30 9.43 3.80 -12.75
C ILE A 30 10.07 5.07 -12.20
N LYS A 31 10.80 5.80 -13.05
CA LYS A 31 11.38 7.08 -12.71
C LYS A 31 10.65 8.18 -13.49
N LEU A 32 10.22 9.23 -12.80
CA LEU A 32 9.68 10.41 -13.47
C LEU A 32 10.72 11.52 -13.27
N GLN A 33 10.92 12.36 -14.27
CA GLN A 33 11.94 13.42 -14.22
C GLN A 33 11.40 14.76 -14.67
N GLY A 34 11.82 15.84 -14.01
CA GLY A 34 11.31 17.18 -14.29
C GLY A 34 11.57 18.09 -13.12
N GLN A 35 10.76 19.13 -12.96
CA GLN A 35 10.86 20.05 -11.81
C GLN A 35 9.62 20.01 -10.93
N ILE A 36 9.79 20.16 -9.63
CA ILE A 36 8.67 20.28 -8.72
C ILE A 36 7.96 21.63 -8.94
N GLU A 37 6.80 21.58 -9.60
CA GLU A 37 5.96 22.76 -9.79
C GLU A 37 5.30 23.17 -8.48
N SER A 38 4.74 22.20 -7.77
CA SER A 38 4.06 22.45 -6.51
C SER A 38 3.67 21.13 -5.81
N PHE A 39 3.12 21.22 -4.61
CA PHE A 39 2.76 20.04 -3.83
C PHE A 39 1.84 20.39 -2.69
N ASP A 40 1.05 19.41 -2.27
CA ASP A 40 0.24 19.53 -1.09
C ASP A 40 0.39 18.27 -0.25
N GLN A 41 -0.56 18.05 0.63
CA GLN A 41 -0.51 16.92 1.52
C GLN A 41 -0.34 15.57 0.82
N PHE A 42 -1.05 15.34 -0.28
CA PHE A 42 -1.03 14.01 -0.90
C PHE A 42 -0.40 13.92 -2.29
N VAL A 43 -0.20 15.05 -2.98
CA VAL A 43 0.31 15.00 -4.36
C VAL A 43 1.47 15.96 -4.59
N ILE A 44 2.23 15.66 -5.64
CA ILE A 44 3.32 16.52 -6.13
C ILE A 44 3.05 16.79 -7.60
N LEU A 45 3.11 18.05 -8.03
CA LEU A 45 2.99 18.36 -9.46
C LEU A 45 4.37 18.42 -10.09
N LEU A 46 4.60 17.59 -11.09
CA LEU A 46 5.91 17.46 -11.73
C LEU A 46 5.81 18.01 -13.13
N LYS A 47 6.65 18.99 -13.44
CA LYS A 47 6.62 19.61 -14.76
C LYS A 47 7.84 19.20 -15.57
N ASN A 48 7.59 18.63 -16.75
CA ASN A 48 8.64 18.48 -17.75
C ASN A 48 8.14 19.11 -19.05
N THR A 49 7.76 18.32 -20.05
CA THR A 49 7.09 18.87 -21.23
C THR A 49 5.61 19.13 -20.91
N VAL A 50 5.08 18.35 -19.96
CA VAL A 50 3.71 18.47 -19.45
C VAL A 50 3.73 18.51 -17.92
N SER A 51 2.63 18.98 -17.33
CA SER A 51 2.50 19.00 -15.87
C SER A 51 1.67 17.81 -15.39
N GLN A 52 2.32 16.89 -14.70
CA GLN A 52 1.65 15.68 -14.17
C GLN A 52 1.55 15.72 -12.67
N MET A 53 0.46 15.17 -12.17
CA MET A 53 0.20 15.11 -10.78
C MET A 53 0.58 13.70 -10.34
N VAL A 54 1.45 13.60 -9.35
CA VAL A 54 1.95 12.31 -8.86
C VAL A 54 1.45 12.13 -7.42
N TYR A 55 0.82 11.00 -7.12
CA TYR A 55 0.39 10.71 -5.74
C TYR A 55 1.59 10.32 -4.92
N LYS A 56 1.72 10.89 -3.74
CA LYS A 56 2.87 10.59 -2.91
C LYS A 56 2.82 9.13 -2.47
N HIS A 57 1.63 8.55 -2.35
CA HIS A 57 1.56 7.16 -1.93
C HIS A 57 2.30 6.23 -2.91
N ALA A 58 2.49 6.68 -4.15
CA ALA A 58 3.17 5.92 -5.18
C ALA A 58 4.68 6.16 -5.26
N ILE A 59 5.20 7.11 -4.48
CA ILE A 59 6.58 7.55 -4.61
C ILE A 59 7.42 6.83 -3.60
N SER A 60 8.58 6.33 -4.02
CA SER A 60 9.57 5.84 -3.06
C SER A 60 10.57 6.92 -2.66
N THR A 61 11.13 7.63 -3.63
CA THR A 61 12.14 8.60 -3.32
C THR A 61 12.12 9.80 -4.26
N VAL A 62 12.56 10.95 -3.74
CA VAL A 62 12.76 12.18 -4.51
C VAL A 62 14.21 12.60 -4.40
N VAL A 63 14.88 12.71 -5.55
CA VAL A 63 16.33 13.00 -5.58
C VAL A 63 16.75 13.92 -6.75
N PRO A 64 17.77 14.77 -6.55
CA PRO A 64 18.30 15.49 -7.75
C PRO A 64 18.75 14.54 -8.86
N SER A 65 18.46 14.88 -10.11
CA SER A 65 18.75 13.98 -11.23
C SER A 65 20.25 13.66 -11.37
N SER B 6 8.71 4.72 18.92
CA SER B 6 8.64 3.99 20.21
C SER B 6 9.71 2.88 20.28
N LEU B 7 9.73 2.00 19.29
CA LEU B 7 10.96 1.26 18.98
C LEU B 7 11.60 1.88 17.75
N GLN B 8 10.77 2.35 16.82
CA GLN B 8 11.23 2.91 15.56
C GLN B 8 12.08 4.18 15.79
N ASP B 9 11.59 5.08 16.64
CA ASP B 9 12.24 6.38 16.82
C ASP B 9 13.62 6.24 17.50
N PRO B 10 13.70 5.49 18.61
CA PRO B 10 15.05 5.26 19.18
C PRO B 10 16.00 4.55 18.22
N PHE B 11 15.49 3.58 17.46
CA PHE B 11 16.31 2.88 16.46
C PHE B 11 16.90 3.84 15.46
N LEU B 12 16.04 4.60 14.78
CA LEU B 12 16.46 5.61 13.81
C LEU B 12 17.33 6.76 14.39
N ASN B 13 16.99 7.25 15.57
CA ASN B 13 17.78 8.32 16.24
C ASN B 13 19.21 7.91 16.58
N ALA B 14 19.38 6.68 17.04
CA ALA B 14 20.73 6.18 17.33
C ALA B 14 21.55 6.11 16.03
N LEU B 15 20.92 5.71 14.92
CA LEU B 15 21.62 5.72 13.65
C LEU B 15 21.92 7.16 13.17
N ARG B 16 20.98 8.07 13.39
CA ARG B 16 21.18 9.48 13.01
C ARG B 16 22.29 10.13 13.88
N ARG B 17 22.12 10.14 15.19
CA ARG B 17 23.09 10.77 16.13
C ARG B 17 24.52 10.22 16.04
N GLU B 18 24.66 8.91 15.84
CA GLU B 18 25.96 8.26 15.74
C GLU B 18 26.49 8.22 14.31
N ARG B 19 25.72 8.76 13.36
CA ARG B 19 26.15 8.94 11.96
C ARG B 19 26.58 7.61 11.31
N VAL B 20 25.81 6.57 11.63
CA VAL B 20 26.09 5.21 11.21
C VAL B 20 25.67 5.03 9.76
N PRO B 21 26.58 4.53 8.89
CA PRO B 21 26.17 4.11 7.54
C PRO B 21 25.04 3.06 7.57
N VAL B 22 23.98 3.30 6.82
CA VAL B 22 22.83 2.36 6.81
C VAL B 22 22.49 1.91 5.43
N SER B 23 21.81 0.76 5.36
CA SER B 23 21.17 0.27 4.15
C SER B 23 19.65 0.29 4.35
N ILE B 24 18.94 0.84 3.36
CA ILE B 24 17.50 0.99 3.39
C ILE B 24 17.01 0.28 2.15
N TYR B 25 16.22 -0.78 2.39
CA TYR B 25 15.64 -1.59 1.35
C TYR B 25 14.23 -1.14 1.05
N LEU B 26 13.95 -0.96 -0.23
CA LEU B 26 12.66 -0.48 -0.67
C LEU B 26 11.76 -1.70 -0.93
N VAL B 27 10.46 -1.46 -1.03
CA VAL B 27 9.54 -2.56 -1.27
C VAL B 27 9.76 -3.23 -2.60
N ASN B 28 10.39 -2.58 -3.58
CA ASN B 28 10.75 -3.32 -4.80
C ASN B 28 12.11 -4.07 -4.70
N GLY B 29 12.71 -4.09 -3.52
CA GLY B 29 14.00 -4.76 -3.31
C GLY B 29 15.25 -3.89 -3.44
N ILE B 30 15.10 -2.67 -3.94
CA ILE B 30 16.25 -1.78 -4.16
C ILE B 30 16.90 -1.42 -2.82
N LYS B 31 18.21 -1.47 -2.80
CA LYS B 31 18.98 -1.07 -1.60
C LYS B 31 19.58 0.31 -1.80
N LEU B 32 19.26 1.22 -0.90
CA LEU B 32 19.84 2.55 -0.88
C LEU B 32 20.81 2.60 0.30
N GLN B 33 21.86 3.40 0.16
CA GLN B 33 22.87 3.46 1.20
C GLN B 33 23.23 4.89 1.53
N GLY B 34 23.66 5.12 2.75
CA GLY B 34 24.04 6.47 3.16
C GLY B 34 23.92 6.64 4.65
N GLN B 35 23.75 7.89 5.08
CA GLN B 35 23.53 8.23 6.48
C GLN B 35 22.21 8.97 6.64
N ILE B 36 21.53 8.73 7.74
CA ILE B 36 20.27 9.40 8.03
C ILE B 36 20.52 10.78 8.62
N GLU B 37 20.17 11.83 7.89
CA GLU B 37 20.31 13.23 8.37
C GLU B 37 19.19 13.56 9.33
N SER B 38 17.98 13.22 8.91
CA SER B 38 16.80 13.44 9.70
C SER B 38 15.65 12.53 9.27
N PHE B 39 14.60 12.51 10.07
CA PHE B 39 13.40 11.76 9.74
C PHE B 39 12.25 12.32 10.54
N ASP B 40 11.03 12.14 10.01
CA ASP B 40 9.81 12.51 10.71
C ASP B 40 8.79 11.38 10.61
N GLN B 41 7.52 11.71 10.78
CA GLN B 41 6.45 10.71 10.72
C GLN B 41 6.44 9.94 9.38
N PHE B 42 6.77 10.62 8.30
CA PHE B 42 6.54 10.05 6.98
C PHE B 42 7.76 9.85 6.11
N VAL B 43 8.87 10.56 6.36
CA VAL B 43 10.05 10.49 5.51
C VAL B 43 11.36 10.34 6.28
N ILE B 44 12.38 9.87 5.57
CA ILE B 44 13.75 9.76 6.04
C ILE B 44 14.61 10.48 5.01
N LEU B 45 15.44 11.43 5.44
CA LEU B 45 16.35 12.11 4.52
C LEU B 45 17.67 11.38 4.57
N LEU B 46 18.10 10.88 3.42
CA LEU B 46 19.28 10.03 3.33
C LEU B 46 20.38 10.75 2.54
N LYS B 47 21.56 10.83 3.15
CA LYS B 47 22.71 11.56 2.60
C LYS B 47 23.78 10.57 2.16
N ASN B 48 24.13 10.64 0.88
CA ASN B 48 25.26 9.91 0.33
C ASN B 48 26.09 10.94 -0.45
N THR B 49 26.22 10.82 -1.76
CA THR B 49 26.74 11.92 -2.59
C THR B 49 25.72 13.07 -2.62
N VAL B 50 24.45 12.71 -2.75
CA VAL B 50 23.34 13.68 -2.78
C VAL B 50 22.39 13.39 -1.63
N SER B 51 21.57 14.37 -1.30
CA SER B 51 20.55 14.21 -0.28
C SER B 51 19.23 13.83 -0.98
N GLN B 52 18.62 12.74 -0.52
CA GLN B 52 17.34 12.31 -1.07
C GLN B 52 16.31 12.08 0.04
N MET B 53 15.04 12.24 -0.33
CA MET B 53 13.96 12.02 0.60
C MET B 53 13.38 10.65 0.28
N VAL B 54 13.23 9.81 1.31
CA VAL B 54 12.66 8.46 1.13
C VAL B 54 11.37 8.40 1.93
N TYR B 55 10.28 8.03 1.29
CA TYR B 55 9.00 7.85 1.97
C TYR B 55 9.01 6.56 2.76
N LYS B 56 8.68 6.64 4.04
CA LYS B 56 8.62 5.42 4.85
C LYS B 56 7.69 4.34 4.24
N HIS B 57 6.58 4.75 3.63
CA HIS B 57 5.64 3.76 3.05
C HIS B 57 6.29 2.87 1.98
N ALA B 58 7.41 3.31 1.41
CA ALA B 58 8.11 2.51 0.40
C ALA B 58 9.27 1.67 0.95
N ILE B 59 9.52 1.76 2.26
CA ILE B 59 10.66 1.07 2.88
C ILE B 59 10.19 -0.24 3.48
N SER B 60 10.94 -1.32 3.24
CA SER B 60 10.72 -2.57 3.93
C SER B 60 11.55 -2.73 5.17
N THR B 61 12.84 -2.39 5.09
CA THR B 61 13.81 -2.71 6.12
C THR B 61 14.88 -1.62 6.20
N VAL B 62 15.32 -1.32 7.42
CA VAL B 62 16.48 -0.46 7.68
C VAL B 62 17.45 -1.23 8.55
N VAL B 63 18.73 -1.25 8.15
CA VAL B 63 19.75 -1.98 8.88
C VAL B 63 21.11 -1.24 8.77
N PRO B 64 21.93 -1.25 9.83
CA PRO B 64 23.27 -0.65 9.62
C PRO B 64 24.05 -1.53 8.65
N SER B 65 24.76 -0.92 7.71
CA SER B 65 25.40 -1.65 6.62
C SER B 65 26.74 -2.25 7.03
N LYS C 3 -11.47 -6.18 20.12
CA LYS C 3 -10.72 -7.19 19.33
C LYS C 3 -9.32 -6.67 18.96
N GLY C 4 -9.27 -5.55 18.24
CA GLY C 4 -8.04 -4.76 18.10
C GLY C 4 -6.77 -5.56 17.85
N GLN C 5 -5.89 -5.59 18.85
CA GLN C 5 -4.60 -6.29 18.76
C GLN C 5 -4.61 -7.65 19.44
N SER C 6 -5.79 -8.10 19.86
CA SER C 6 -6.01 -9.39 20.53
C SER C 6 -5.15 -10.54 20.07
N LEU C 7 -4.94 -10.62 18.76
CA LEU C 7 -4.23 -11.75 18.18
C LEU C 7 -2.78 -11.35 17.88
N GLN C 8 -2.61 -10.25 17.13
CA GLN C 8 -1.28 -9.85 16.68
C GLN C 8 -0.30 -9.77 17.83
N ASP C 9 -0.67 -9.00 18.85
CA ASP C 9 0.28 -8.73 19.93
C ASP C 9 0.68 -9.94 20.78
N PRO C 10 -0.27 -10.82 21.20
CA PRO C 10 0.17 -12.08 21.84
C PRO C 10 0.96 -12.99 20.92
N PHE C 11 0.55 -13.07 19.66
CA PHE C 11 1.30 -13.91 18.70
C PHE C 11 2.77 -13.49 18.62
N LEU C 12 3.02 -12.20 18.45
CA LEU C 12 4.39 -11.68 18.34
C LEU C 12 5.11 -11.75 19.71
N ASN C 13 4.40 -11.43 20.78
CA ASN C 13 4.96 -11.52 22.14
C ASN C 13 5.38 -12.93 22.50
N ALA C 14 4.61 -13.93 22.08
CA ALA C 14 5.00 -15.32 22.33
C ALA C 14 6.31 -15.66 21.63
N LEU C 15 6.43 -15.26 20.36
CA LEU C 15 7.63 -15.52 19.59
C LEU C 15 8.81 -14.83 20.24
N ARG C 16 8.62 -13.58 20.63
CA ARG C 16 9.70 -12.84 21.27
C ARG C 16 10.16 -13.57 22.55
N ARG C 17 9.25 -13.64 23.52
CA ARG C 17 9.51 -14.29 24.83
C ARG C 17 10.23 -15.64 24.75
N GLU C 18 9.81 -16.49 23.83
CA GLU C 18 10.36 -17.85 23.73
C GLU C 18 11.56 -17.94 22.77
N ARG C 19 11.95 -16.81 22.15
CA ARG C 19 13.05 -16.81 21.18
C ARG C 19 12.92 -17.84 20.03
N VAL C 20 11.73 -17.92 19.47
CA VAL C 20 11.43 -18.85 18.40
C VAL C 20 12.05 -18.32 17.11
N PRO C 21 12.83 -19.16 16.41
CA PRO C 21 13.29 -18.74 15.07
C PRO C 21 12.10 -18.54 14.13
N VAL C 22 12.00 -17.34 13.52
CA VAL C 22 10.86 -16.99 12.67
C VAL C 22 11.26 -16.66 11.26
N SER C 23 10.30 -16.86 10.36
CA SER C 23 10.36 -16.40 9.01
C SER C 23 9.34 -15.26 8.88
N ILE C 24 9.77 -14.16 8.28
CA ILE C 24 8.90 -13.04 7.92
C ILE C 24 8.96 -12.89 6.40
N TYR C 25 7.84 -13.14 5.73
CA TYR C 25 7.74 -12.97 4.29
C TYR C 25 7.27 -11.56 3.98
N LEU C 26 8.04 -10.83 3.18
CA LEU C 26 7.65 -9.50 2.72
C LEU C 26 6.68 -9.66 1.53
N VAL C 27 5.90 -8.62 1.24
CA VAL C 27 4.96 -8.67 0.13
C VAL C 27 5.72 -8.82 -1.22
N ASN C 28 6.96 -8.34 -1.28
CA ASN C 28 7.77 -8.53 -2.48
C ASN C 28 8.32 -9.98 -2.65
N GLY C 29 8.00 -10.89 -1.72
CA GLY C 29 8.41 -12.28 -1.81
C GLY C 29 9.65 -12.61 -0.99
N ILE C 30 10.46 -11.62 -0.62
CA ILE C 30 11.65 -11.88 0.16
C ILE C 30 11.34 -12.48 1.56
N LYS C 31 12.11 -13.50 1.93
CA LYS C 31 11.96 -14.15 3.22
C LYS C 31 13.05 -13.68 4.12
N LEU C 32 12.69 -13.10 5.26
CA LEU C 32 13.64 -12.71 6.29
C LEU C 32 13.61 -13.77 7.39
N GLN C 33 14.74 -14.01 8.01
CA GLN C 33 14.77 -14.98 9.10
C GLN C 33 15.55 -14.41 10.24
N GLY C 34 15.12 -14.78 11.45
CA GLY C 34 15.81 -14.39 12.66
C GLY C 34 14.90 -14.60 13.84
N GLN C 35 15.17 -13.88 14.92
CA GLN C 35 14.33 -13.90 16.11
C GLN C 35 13.75 -12.53 16.27
N ILE C 36 12.53 -12.46 16.77
CA ILE C 36 11.92 -11.17 17.04
C ILE C 36 12.42 -10.64 18.37
N GLU C 37 13.12 -9.51 18.36
CA GLU C 37 13.64 -9.01 19.65
C GLU C 37 12.69 -8.00 20.28
N SER C 38 11.90 -7.30 19.46
CA SER C 38 10.85 -6.43 19.96
C SER C 38 10.02 -5.96 18.76
N PHE C 39 8.90 -5.30 19.07
CA PHE C 39 8.03 -4.71 18.04
C PHE C 39 7.22 -3.57 18.65
N ASP C 40 6.70 -2.66 17.84
CA ASP C 40 5.75 -1.68 18.34
C ASP C 40 4.56 -1.60 17.36
N GLN C 41 3.90 -0.46 17.27
CA GLN C 41 2.78 -0.29 16.36
C GLN C 41 3.13 -0.52 14.89
N PHE C 42 4.25 0.02 14.43
CA PHE C 42 4.58 -0.03 13.02
C PHE C 42 5.75 -0.92 12.60
N VAL C 43 6.63 -1.31 13.52
CA VAL C 43 7.82 -2.05 13.14
C VAL C 43 8.04 -3.27 14.01
N ILE C 44 8.84 -4.19 13.47
CA ILE C 44 9.31 -5.37 14.15
C ILE C 44 10.83 -5.38 14.06
N LEU C 45 11.49 -5.58 15.21
CA LEU C 45 12.95 -5.70 15.19
C LEU C 45 13.32 -7.18 15.08
N LEU C 46 13.99 -7.53 13.99
CA LEU C 46 14.37 -8.91 13.68
C LEU C 46 15.89 -9.05 13.83
N LYS C 47 16.35 -10.03 14.60
CA LYS C 47 17.78 -10.24 14.80
C LYS C 47 18.20 -11.59 14.27
N ASN C 48 19.08 -11.56 13.27
CA ASN C 48 19.84 -12.72 12.83
C ASN C 48 21.28 -12.46 13.33
N THR C 49 22.23 -12.11 12.46
CA THR C 49 23.55 -11.67 12.95
C THR C 49 23.46 -10.25 13.51
N VAL C 50 22.60 -9.41 12.92
CA VAL C 50 22.36 -8.04 13.42
C VAL C 50 20.86 -7.72 13.50
N SER C 51 20.51 -6.64 14.20
CA SER C 51 19.12 -6.23 14.32
C SER C 51 18.74 -5.42 13.11
N GLN C 52 17.71 -5.83 12.39
CA GLN C 52 17.14 -4.98 11.34
C GLN C 52 15.70 -4.62 11.71
N MET C 53 15.32 -3.40 11.34
CA MET C 53 13.98 -2.88 11.60
C MET C 53 13.14 -3.15 10.37
N VAL C 54 12.09 -3.96 10.52
CA VAL C 54 11.18 -4.28 9.42
C VAL C 54 9.86 -3.55 9.61
N TYR C 55 9.41 -2.82 8.59
CA TYR C 55 8.12 -2.12 8.66
C TYR C 55 7.01 -3.11 8.40
N LYS C 56 6.02 -3.14 9.31
CA LYS C 56 4.91 -4.07 9.14
C LYS C 56 4.18 -3.88 7.80
N HIS C 57 4.15 -2.65 7.30
CA HIS C 57 3.47 -2.37 6.05
C HIS C 57 4.06 -3.18 4.90
N ALA C 58 5.31 -3.61 5.02
CA ALA C 58 5.95 -4.38 3.97
C ALA C 58 5.82 -5.88 4.18
N ILE C 59 5.23 -6.30 5.30
CA ILE C 59 5.19 -7.71 5.70
C ILE C 59 3.85 -8.34 5.24
N SER C 60 3.91 -9.52 4.61
CA SER C 60 2.70 -10.31 4.32
C SER C 60 2.42 -11.32 5.40
N THR C 61 3.41 -12.15 5.71
CA THR C 61 3.21 -13.24 6.66
C THR C 61 4.34 -13.35 7.71
N VAL C 62 3.96 -13.76 8.93
CA VAL C 62 4.92 -14.15 9.96
C VAL C 62 4.61 -15.57 10.40
N VAL C 63 5.64 -16.40 10.46
CA VAL C 63 5.46 -17.81 10.78
C VAL C 63 6.72 -18.41 11.41
N PRO C 64 6.57 -19.28 12.42
CA PRO C 64 7.71 -20.04 12.94
C PRO C 64 8.42 -20.74 11.81
N SER C 65 9.75 -20.67 11.81
CA SER C 65 10.57 -21.36 10.78
C SER C 65 10.44 -22.88 10.85
N SER D 6 -19.51 -3.43 10.25
CA SER D 6 -18.38 -4.31 9.83
C SER D 6 -18.91 -5.63 9.27
N LEU D 7 -18.53 -5.91 8.03
CA LEU D 7 -18.89 -7.14 7.38
C LEU D 7 -17.82 -8.21 7.57
N GLN D 8 -16.59 -7.78 7.87
CA GLN D 8 -15.46 -8.68 8.08
C GLN D 8 -15.65 -9.68 9.20
N ASP D 9 -16.12 -9.20 10.34
CA ASP D 9 -16.25 -10.05 11.50
C ASP D 9 -17.24 -11.19 11.26
N PRO D 10 -18.50 -10.87 10.88
CA PRO D 10 -19.42 -11.99 10.52
C PRO D 10 -18.86 -12.91 9.46
N PHE D 11 -18.28 -12.36 8.40
CA PHE D 11 -17.79 -13.18 7.30
C PHE D 11 -16.69 -14.12 7.80
N LEU D 12 -15.76 -13.56 8.59
CA LEU D 12 -14.64 -14.34 9.08
C LEU D 12 -15.01 -15.21 10.27
N ASN D 13 -15.90 -14.75 11.15
CA ASN D 13 -16.32 -15.62 12.26
C ASN D 13 -17.04 -16.87 11.76
N ALA D 14 -17.82 -16.72 10.69
CA ALA D 14 -18.55 -17.84 10.11
C ALA D 14 -17.55 -18.89 9.65
N LEU D 15 -16.55 -18.45 8.89
CA LEU D 15 -15.51 -19.38 8.41
C LEU D 15 -14.76 -20.01 9.57
N ARG D 16 -14.45 -19.21 10.57
CA ARG D 16 -13.68 -19.69 11.71
C ARG D 16 -14.44 -20.79 12.45
N ARG D 17 -15.73 -20.60 12.65
CA ARG D 17 -16.51 -21.59 13.38
C ARG D 17 -16.70 -22.88 12.58
N GLU D 18 -16.84 -22.77 11.27
CA GLU D 18 -17.09 -23.93 10.41
C GLU D 18 -15.80 -24.74 10.17
N ARG D 19 -14.63 -24.11 10.36
CA ARG D 19 -13.35 -24.74 10.08
C ARG D 19 -13.26 -25.27 8.65
N VAL D 20 -13.89 -24.57 7.72
CA VAL D 20 -13.90 -25.02 6.33
C VAL D 20 -12.59 -24.54 5.69
N PRO D 21 -12.15 -25.21 4.60
CA PRO D 21 -10.99 -24.66 3.87
C PRO D 21 -11.35 -23.30 3.24
N VAL D 22 -10.41 -22.39 3.27
CA VAL D 22 -10.53 -21.11 2.57
C VAL D 22 -9.21 -20.80 1.87
N SER D 23 -9.33 -20.19 0.70
CA SER D 23 -8.20 -19.64 -0.02
C SER D 23 -8.08 -18.15 0.34
N ILE D 24 -6.91 -17.76 0.78
CA ILE D 24 -6.55 -16.35 0.97
C ILE D 24 -5.59 -15.98 -0.18
N TYR D 25 -6.00 -15.03 -1.01
CA TYR D 25 -5.13 -14.57 -2.09
C TYR D 25 -4.51 -13.26 -1.64
N LEU D 26 -3.20 -13.19 -1.75
CA LEU D 26 -2.46 -12.02 -1.32
C LEU D 26 -2.33 -11.07 -2.50
N VAL D 27 -2.03 -9.82 -2.21
CA VAL D 27 -1.93 -8.78 -3.26
C VAL D 27 -0.81 -9.02 -4.24
N ASN D 28 0.23 -9.75 -3.84
CA ASN D 28 1.32 -10.15 -4.74
C ASN D 28 1.04 -11.41 -5.59
N GLY D 29 -0.19 -11.94 -5.53
CA GLY D 29 -0.54 -13.13 -6.30
C GLY D 29 -0.47 -14.46 -5.55
N ILE D 30 0.20 -14.49 -4.39
CA ILE D 30 0.29 -15.74 -3.63
C ILE D 30 -1.12 -16.25 -3.19
N LYS D 31 -1.34 -17.55 -3.32
CA LYS D 31 -2.58 -18.19 -2.85
C LYS D 31 -2.22 -19.05 -1.66
N LEU D 32 -2.79 -18.73 -0.51
CA LEU D 32 -2.67 -19.52 0.72
C LEU D 32 -3.93 -20.36 0.92
N GLN D 33 -3.78 -21.60 1.37
CA GLN D 33 -4.91 -22.52 1.57
C GLN D 33 -4.89 -23.05 3.00
N GLY D 34 -5.98 -22.84 3.71
CA GLY D 34 -6.11 -23.39 5.05
C GLY D 34 -7.40 -23.01 5.75
N GLN D 35 -7.40 -23.14 7.06
CA GLN D 35 -8.55 -22.75 7.88
C GLN D 35 -8.27 -21.41 8.54
N ILE D 36 -9.32 -20.61 8.70
CA ILE D 36 -9.24 -19.39 9.50
C ILE D 36 -9.29 -19.77 10.97
N GLU D 37 -8.18 -19.59 11.68
CA GLU D 37 -8.08 -20.00 13.08
C GLU D 37 -8.52 -18.86 13.99
N SER D 38 -8.19 -17.63 13.61
CA SER D 38 -8.60 -16.46 14.38
C SER D 38 -8.24 -15.22 13.60
N PHE D 39 -8.71 -14.08 14.07
CA PHE D 39 -8.40 -12.83 13.41
C PHE D 39 -8.59 -11.71 14.40
N ASP D 40 -8.05 -10.56 14.06
CA ASP D 40 -8.33 -9.33 14.78
C ASP D 40 -8.45 -8.18 13.81
N GLN D 41 -8.31 -6.94 14.28
CA GLN D 41 -8.48 -5.80 13.43
C GLN D 41 -7.53 -5.85 12.20
N PHE D 42 -6.30 -6.30 12.37
CA PHE D 42 -5.28 -6.14 11.31
C PHE D 42 -4.69 -7.43 10.72
N VAL D 43 -4.91 -8.57 11.38
CA VAL D 43 -4.33 -9.84 10.96
C VAL D 43 -5.36 -10.99 10.97
N ILE D 44 -5.02 -12.01 10.22
CA ILE D 44 -5.74 -13.27 10.19
C ILE D 44 -4.74 -14.38 10.45
N LEU D 45 -5.05 -15.31 11.33
CA LEU D 45 -4.20 -16.46 11.56
C LEU D 45 -4.74 -17.61 10.74
N LEU D 46 -3.95 -18.09 9.79
CA LEU D 46 -4.38 -19.13 8.87
C LEU D 46 -3.69 -20.44 9.23
N LYS D 47 -4.47 -21.51 9.35
CA LYS D 47 -3.97 -22.80 9.76
C LYS D 47 -4.05 -23.83 8.65
N ASN D 48 -2.89 -24.38 8.31
CA ASN D 48 -2.75 -25.63 7.55
C ASN D 48 -1.73 -26.54 8.28
N THR D 49 -0.60 -26.90 7.68
CA THR D 49 0.45 -27.59 8.47
C THR D 49 1.26 -26.64 9.39
N VAL D 50 1.08 -25.32 9.21
CA VAL D 50 1.63 -24.32 10.14
C VAL D 50 0.52 -23.34 10.48
N SER D 51 0.73 -22.57 11.54
CA SER D 51 -0.17 -21.48 11.87
C SER D 51 0.54 -20.18 11.52
N GLN D 52 0.07 -19.46 10.51
CA GLN D 52 0.79 -18.26 10.08
C GLN D 52 -0.07 -17.03 10.20
N MET D 53 0.54 -15.93 10.62
CA MET D 53 -0.19 -14.70 10.86
C MET D 53 -0.06 -13.88 9.57
N VAL D 54 -1.20 -13.56 8.94
CA VAL D 54 -1.25 -12.90 7.68
C VAL D 54 -1.77 -11.50 7.89
N TYR D 55 -1.01 -10.50 7.46
CA TYR D 55 -1.48 -9.12 7.57
C TYR D 55 -2.59 -8.88 6.55
N LYS D 56 -3.69 -8.33 7.01
CA LYS D 56 -4.80 -7.99 6.10
C LYS D 56 -4.38 -7.03 4.99
N HIS D 57 -3.42 -6.14 5.25
CA HIS D 57 -2.95 -5.22 4.21
C HIS D 57 -2.29 -5.94 3.03
N ALA D 58 -1.84 -7.18 3.23
CA ALA D 58 -1.26 -7.97 2.16
C ALA D 58 -2.28 -8.85 1.43
N ILE D 59 -3.56 -8.82 1.83
CA ILE D 59 -4.61 -9.75 1.32
C ILE D 59 -5.47 -9.00 0.31
N SER D 60 -5.78 -9.67 -0.78
CA SER D 60 -6.73 -9.17 -1.74
C SER D 60 -8.13 -9.71 -1.48
N THR D 61 -8.23 -11.03 -1.34
CA THR D 61 -9.51 -11.71 -1.22
C THR D 61 -9.44 -12.90 -0.30
N VAL D 62 -10.58 -13.17 0.34
CA VAL D 62 -10.79 -14.40 1.14
C VAL D 62 -11.96 -15.15 0.52
N VAL D 63 -11.73 -16.40 0.11
CA VAL D 63 -12.65 -17.15 -0.74
C VAL D 63 -12.90 -18.54 -0.13
N PRO D 64 -14.10 -18.79 0.42
CA PRO D 64 -14.46 -20.15 0.88
C PRO D 64 -14.23 -21.18 -0.19
N SER D 65 -13.56 -22.27 0.15
CA SER D 65 -13.39 -23.37 -0.80
C SER D 65 -14.73 -24.06 -1.16
N SER E 6 -19.71 12.53 -1.79
CA SER E 6 -19.27 11.11 -1.86
C SER E 6 -19.86 10.40 -3.08
N LEU E 7 -18.97 9.76 -3.81
CA LEU E 7 -19.24 9.18 -5.10
C LEU E 7 -19.19 7.65 -5.03
N GLN E 8 -18.35 7.13 -4.12
CA GLN E 8 -18.10 5.70 -4.02
C GLN E 8 -19.35 4.95 -3.66
N ASP E 9 -20.03 5.43 -2.62
CA ASP E 9 -21.18 4.69 -2.07
C ASP E 9 -22.41 4.64 -3.00
N PRO E 10 -22.81 5.77 -3.60
CA PRO E 10 -23.91 5.67 -4.60
C PRO E 10 -23.56 4.86 -5.84
N PHE E 11 -22.29 4.87 -6.23
CA PHE E 11 -21.84 4.02 -7.33
C PHE E 11 -22.00 2.52 -7.00
N LEU E 12 -21.48 2.09 -5.85
CA LEU E 12 -21.60 0.68 -5.45
C LEU E 12 -23.07 0.30 -5.12
N ASN E 13 -23.85 1.22 -4.57
CA ASN E 13 -25.28 0.94 -4.27
C ASN E 13 -26.11 0.66 -5.51
N ALA E 14 -25.91 1.44 -6.57
CA ALA E 14 -26.67 1.22 -7.79
C ALA E 14 -26.32 -0.13 -8.41
N LEU E 15 -25.06 -0.53 -8.29
CA LEU E 15 -24.66 -1.86 -8.73
C LEU E 15 -25.26 -2.92 -7.80
N ARG E 16 -25.30 -2.64 -6.50
CA ARG E 16 -25.83 -3.60 -5.54
C ARG E 16 -27.34 -3.80 -5.74
N ARG E 17 -28.10 -2.70 -5.59
CA ARG E 17 -29.57 -2.72 -5.69
C ARG E 17 -30.06 -3.29 -7.01
N GLU E 18 -29.63 -2.72 -8.12
CA GLU E 18 -30.03 -3.24 -9.44
C GLU E 18 -29.34 -4.56 -9.78
N ARG E 19 -28.68 -5.18 -8.79
CA ARG E 19 -27.96 -6.44 -8.97
C ARG E 19 -27.20 -6.51 -10.30
N VAL E 20 -26.46 -5.46 -10.63
CA VAL E 20 -25.68 -5.37 -11.88
C VAL E 20 -24.45 -6.26 -11.79
N PRO E 21 -24.10 -6.96 -12.90
CA PRO E 21 -22.88 -7.74 -12.90
C PRO E 21 -21.66 -6.84 -13.09
N VAL E 22 -20.64 -7.03 -12.26
CA VAL E 22 -19.45 -6.17 -12.24
C VAL E 22 -18.14 -6.94 -12.44
N SER E 23 -17.17 -6.24 -13.05
CA SER E 23 -15.77 -6.63 -13.04
C SER E 23 -15.01 -5.79 -11.99
N ILE E 24 -14.24 -6.48 -11.14
CA ILE E 24 -13.36 -5.87 -10.17
C ILE E 24 -11.96 -6.26 -10.57
N TYR E 25 -11.14 -5.24 -10.83
CA TYR E 25 -9.75 -5.48 -11.18
C TYR E 25 -8.93 -5.23 -9.93
N LEU E 26 -8.08 -6.20 -9.58
CA LEU E 26 -7.24 -6.09 -8.41
C LEU E 26 -5.94 -5.38 -8.80
N VAL E 27 -5.17 -4.96 -7.80
CA VAL E 27 -3.97 -4.16 -8.08
C VAL E 27 -2.91 -4.96 -8.82
N ASN E 28 -2.97 -6.29 -8.73
CA ASN E 28 -2.09 -7.13 -9.56
C ASN E 28 -2.63 -7.46 -10.97
N GLY E 29 -3.79 -6.93 -11.35
CA GLY E 29 -4.29 -7.14 -12.73
C GLY E 29 -5.34 -8.24 -12.91
N ILE E 30 -5.47 -9.11 -11.92
CA ILE E 30 -6.53 -10.15 -11.92
C ILE E 30 -7.92 -9.54 -11.93
N LYS E 31 -8.76 -10.05 -12.82
CA LYS E 31 -10.13 -9.58 -12.94
C LYS E 31 -11.04 -10.58 -12.27
N LEU E 32 -11.83 -10.11 -11.30
CA LEU E 32 -12.88 -10.89 -10.67
C LEU E 32 -14.24 -10.41 -11.18
N GLN E 33 -15.24 -11.29 -11.15
CA GLN E 33 -16.58 -11.00 -11.68
C GLN E 33 -17.67 -11.53 -10.79
N GLY E 34 -18.77 -10.78 -10.72
CA GLY E 34 -19.91 -11.18 -9.88
C GLY E 34 -20.89 -10.06 -9.61
N GLN E 35 -21.55 -10.12 -8.46
CA GLN E 35 -22.53 -9.15 -8.04
C GLN E 35 -22.16 -8.64 -6.65
N ILE E 36 -22.37 -7.35 -6.44
CA ILE E 36 -22.04 -6.74 -5.17
C ILE E 36 -23.11 -7.14 -4.14
N GLU E 37 -22.79 -8.07 -3.25
CA GLU E 37 -23.75 -8.48 -2.24
C GLU E 37 -23.91 -7.39 -1.18
N SER E 38 -22.80 -6.76 -0.83
CA SER E 38 -22.79 -5.70 0.17
C SER E 38 -21.38 -5.13 0.25
N PHE E 39 -21.26 -4.00 0.91
CA PHE E 39 -19.95 -3.40 1.11
C PHE E 39 -19.97 -2.53 2.34
N ASP E 40 -18.78 -2.27 2.86
CA ASP E 40 -18.60 -1.37 3.98
C ASP E 40 -17.42 -0.44 3.70
N GLN E 41 -16.86 0.14 4.73
CA GLN E 41 -15.74 1.06 4.56
C GLN E 41 -14.49 0.36 3.96
N PHE E 42 -14.28 -0.93 4.27
CA PHE E 42 -13.04 -1.65 3.87
C PHE E 42 -13.16 -2.79 2.88
N VAL E 43 -14.32 -3.43 2.80
CA VAL E 43 -14.47 -4.56 1.86
C VAL E 43 -15.74 -4.52 1.04
N ILE E 44 -15.71 -5.31 -0.03
CA ILE E 44 -16.86 -5.61 -0.87
C ILE E 44 -17.06 -7.14 -0.87
N LEU E 45 -18.30 -7.58 -0.67
CA LEU E 45 -18.66 -8.99 -0.89
C LEU E 45 -19.16 -9.22 -2.30
N LEU E 46 -18.42 -10.02 -3.05
CA LEU E 46 -18.71 -10.26 -4.43
C LEU E 46 -19.26 -11.69 -4.58
N LYS E 47 -20.55 -11.81 -4.91
CA LYS E 47 -21.22 -13.13 -5.00
C LYS E 47 -21.18 -13.69 -6.40
N ASN E 48 -20.82 -14.98 -6.51
CA ASN E 48 -21.25 -15.81 -7.63
C ASN E 48 -22.21 -16.87 -7.05
N THR E 49 -21.77 -18.12 -6.91
CA THR E 49 -22.56 -19.12 -6.17
C THR E 49 -22.49 -18.80 -4.67
N VAL E 50 -21.25 -18.64 -4.19
CA VAL E 50 -20.95 -18.12 -2.85
C VAL E 50 -20.27 -16.74 -2.96
N SER E 51 -20.31 -16.00 -1.85
CA SER E 51 -19.58 -14.75 -1.70
C SER E 51 -18.11 -14.94 -1.33
N GLN E 52 -17.26 -14.14 -1.94
CA GLN E 52 -15.89 -13.91 -1.44
C GLN E 52 -15.77 -12.49 -0.89
N MET E 53 -14.87 -12.28 0.07
CA MET E 53 -14.63 -10.97 0.62
C MET E 53 -13.39 -10.35 -0.09
N VAL E 54 -13.59 -9.16 -0.66
CA VAL E 54 -12.57 -8.43 -1.39
C VAL E 54 -12.19 -7.16 -0.64
N TYR E 55 -10.93 -7.02 -0.28
CA TYR E 55 -10.47 -5.83 0.41
C TYR E 55 -10.37 -4.69 -0.60
N LYS E 56 -10.96 -3.55 -0.26
CA LYS E 56 -10.90 -2.40 -1.16
C LYS E 56 -9.48 -1.96 -1.41
N HIS E 57 -8.60 -2.05 -0.41
CA HIS E 57 -7.20 -1.63 -0.59
C HIS E 57 -6.51 -2.39 -1.73
N ALA E 58 -7.03 -3.58 -2.07
CA ALA E 58 -6.50 -4.39 -3.18
C ALA E 58 -7.17 -4.18 -4.53
N ILE E 59 -8.20 -3.33 -4.60
CA ILE E 59 -8.91 -3.04 -5.84
C ILE E 59 -8.35 -1.79 -6.52
N SER E 60 -8.11 -1.87 -7.84
CA SER E 60 -7.81 -0.68 -8.63
C SER E 60 -9.07 -0.08 -9.26
N THR E 61 -9.90 -0.90 -9.90
CA THR E 61 -11.10 -0.41 -10.59
C THR E 61 -12.31 -1.34 -10.43
N VAL E 62 -13.49 -0.72 -10.41
CA VAL E 62 -14.76 -1.44 -10.47
C VAL E 62 -15.50 -0.90 -11.69
N VAL E 63 -15.89 -1.79 -12.60
CA VAL E 63 -16.67 -1.38 -13.78
C VAL E 63 -17.76 -2.39 -14.14
N PRO E 64 -18.98 -1.89 -14.50
CA PRO E 64 -20.03 -2.82 -14.95
C PRO E 64 -19.57 -3.81 -16.01
N SER E 65 -19.96 -5.07 -15.84
CA SER E 65 -19.91 -6.09 -16.91
C SER E 65 -18.57 -6.16 -17.63
N GLN F 5 -5.67 19.25 0.03
CA GLN F 5 -6.36 19.15 -1.29
C GLN F 5 -6.21 20.42 -2.13
N SER F 6 -5.38 21.35 -1.65
CA SER F 6 -5.30 22.67 -2.27
C SER F 6 -4.67 22.60 -3.66
N LEU F 7 -4.02 21.48 -3.98
CA LEU F 7 -3.53 21.30 -5.35
C LEU F 7 -4.26 20.21 -6.16
N GLN F 8 -4.51 19.07 -5.53
CA GLN F 8 -5.21 17.94 -6.15
C GLN F 8 -6.60 18.32 -6.68
N ASP F 9 -7.39 18.97 -5.85
CA ASP F 9 -8.76 19.28 -6.24
C ASP F 9 -8.87 20.26 -7.44
N PRO F 10 -8.14 21.38 -7.42
CA PRO F 10 -8.08 22.25 -8.61
C PRO F 10 -7.58 21.54 -9.88
N PHE F 11 -6.56 20.69 -9.71
CA PHE F 11 -6.04 19.94 -10.84
C PHE F 11 -7.11 19.02 -11.43
N LEU F 12 -7.77 18.23 -10.60
CA LEU F 12 -8.80 17.31 -11.11
C LEU F 12 -10.05 18.07 -11.61
N ASN F 13 -10.43 19.14 -10.90
CA ASN F 13 -11.62 19.90 -11.29
C ASN F 13 -11.51 20.57 -12.65
N ALA F 14 -10.34 21.10 -12.98
CA ALA F 14 -10.14 21.70 -14.30
C ALA F 14 -10.18 20.68 -15.43
N LEU F 15 -9.66 19.48 -15.19
CA LEU F 15 -9.75 18.40 -16.18
C LEU F 15 -11.20 17.94 -16.31
N ARG F 16 -11.90 17.87 -15.19
CA ARG F 16 -13.30 17.52 -15.17
C ARG F 16 -14.20 18.53 -15.94
N ARG F 17 -14.10 19.80 -15.59
CA ARG F 17 -14.97 20.79 -16.21
C ARG F 17 -14.75 20.95 -17.71
N GLU F 18 -13.49 20.97 -18.13
CA GLU F 18 -13.12 21.10 -19.53
C GLU F 18 -13.26 19.79 -20.31
N ARG F 19 -13.51 18.68 -19.62
CA ARG F 19 -13.65 17.36 -20.26
C ARG F 19 -12.42 16.99 -21.08
N VAL F 20 -11.25 17.23 -20.51
CA VAL F 20 -10.00 16.95 -21.18
C VAL F 20 -9.78 15.44 -21.20
N PRO F 21 -9.34 14.87 -22.35
CA PRO F 21 -8.85 13.47 -22.27
C PRO F 21 -7.63 13.36 -21.35
N VAL F 22 -7.65 12.39 -20.42
CA VAL F 22 -6.55 12.22 -19.45
C VAL F 22 -6.01 10.77 -19.48
N SER F 23 -4.77 10.59 -19.05
CA SER F 23 -4.22 9.28 -18.85
C SER F 23 -4.05 9.13 -17.35
N ILE F 24 -4.50 8.00 -16.83
CA ILE F 24 -4.35 7.62 -15.45
C ILE F 24 -3.45 6.38 -15.38
N TYR F 25 -2.24 6.54 -14.83
CA TYR F 25 -1.30 5.41 -14.68
C TYR F 25 -1.49 4.75 -13.34
N LEU F 26 -1.77 3.47 -13.33
CA LEU F 26 -1.89 2.74 -12.10
C LEU F 26 -0.53 2.23 -11.61
N VAL F 27 -0.47 1.91 -10.32
CA VAL F 27 0.77 1.41 -9.70
C VAL F 27 1.30 0.10 -10.32
N ASN F 28 0.43 -0.72 -10.86
CA ASN F 28 0.84 -1.93 -11.54
C ASN F 28 1.33 -1.66 -12.96
N GLY F 29 1.31 -0.41 -13.40
CA GLY F 29 1.86 -0.07 -14.72
C GLY F 29 0.84 0.12 -15.82
N ILE F 30 -0.40 -0.28 -15.60
CA ILE F 30 -1.45 -0.16 -16.60
C ILE F 30 -1.82 1.30 -16.77
N LYS F 31 -2.13 1.69 -18.00
CA LYS F 31 -2.54 3.06 -18.31
C LYS F 31 -4.00 3.06 -18.70
N LEU F 32 -4.81 3.82 -17.96
CA LEU F 32 -6.22 4.01 -18.31
C LEU F 32 -6.39 5.35 -19.00
N GLN F 33 -7.38 5.43 -19.87
CA GLN F 33 -7.68 6.68 -20.54
C GLN F 33 -9.15 7.00 -20.56
N GLY F 34 -9.46 8.30 -20.54
CA GLY F 34 -10.83 8.75 -20.67
C GLY F 34 -11.02 10.16 -20.14
N GLN F 35 -12.24 10.45 -19.74
CA GLN F 35 -12.57 11.75 -19.16
C GLN F 35 -12.90 11.57 -17.70
N ILE F 36 -12.44 12.52 -16.89
CA ILE F 36 -12.84 12.55 -15.50
C ILE F 36 -14.26 13.10 -15.42
N GLU F 37 -15.16 12.27 -14.89
CA GLU F 37 -16.55 12.63 -14.75
C GLU F 37 -16.80 13.30 -13.41
N SER F 38 -16.14 12.80 -12.38
CA SER F 38 -16.22 13.33 -11.02
C SER F 38 -15.21 12.61 -10.16
N PHE F 39 -15.08 13.06 -8.92
CA PHE F 39 -14.14 12.45 -7.99
C PHE F 39 -14.57 12.81 -6.60
N ASP F 40 -14.11 12.04 -5.64
CA ASP F 40 -14.31 12.37 -4.23
C ASP F 40 -12.99 12.10 -3.51
N GLN F 41 -13.04 11.92 -2.21
CA GLN F 41 -11.83 11.75 -1.45
C GLN F 41 -11.04 10.50 -1.84
N PHE F 42 -11.72 9.40 -2.17
CA PHE F 42 -11.01 8.13 -2.44
C PHE F 42 -11.03 7.62 -3.87
N VAL F 43 -11.90 8.15 -4.71
CA VAL F 43 -12.11 7.58 -6.02
C VAL F 43 -12.22 8.62 -7.11
N ILE F 44 -11.94 8.19 -8.32
CA ILE F 44 -12.16 9.00 -9.51
C ILE F 44 -13.06 8.21 -10.43
N LEU F 45 -14.13 8.85 -10.90
CA LEU F 45 -15.02 8.27 -11.90
C LEU F 45 -14.51 8.60 -13.32
N LEU F 46 -14.05 7.59 -14.06
CA LEU F 46 -13.40 7.80 -15.34
C LEU F 46 -14.33 7.26 -16.45
N LYS F 47 -14.63 8.10 -17.45
CA LYS F 47 -15.57 7.67 -18.50
C LYS F 47 -14.89 7.57 -19.85
N ASN F 48 -15.03 6.41 -20.49
CA ASN F 48 -14.69 6.23 -21.91
C ASN F 48 -15.87 5.52 -22.62
N THR F 49 -15.72 4.27 -23.03
CA THR F 49 -16.86 3.51 -23.53
C THR F 49 -17.87 3.21 -22.40
N VAL F 50 -17.39 3.17 -21.16
CA VAL F 50 -18.25 3.01 -19.97
C VAL F 50 -17.73 3.85 -18.79
N SER F 51 -18.51 3.95 -17.71
CA SER F 51 -18.06 4.64 -16.48
C SER F 51 -17.42 3.68 -15.46
N GLN F 52 -16.15 3.89 -15.13
CA GLN F 52 -15.47 3.04 -14.13
C GLN F 52 -14.97 3.83 -12.94
N MET F 53 -15.09 3.25 -11.76
CA MET F 53 -14.60 3.87 -10.54
C MET F 53 -13.17 3.40 -10.32
N VAL F 54 -12.23 4.34 -10.22
CA VAL F 54 -10.83 4.03 -10.03
C VAL F 54 -10.49 4.49 -8.62
N TYR F 55 -9.94 3.58 -7.83
CA TYR F 55 -9.45 3.91 -6.51
C TYR F 55 -8.14 4.67 -6.60
N LYS F 56 -8.12 5.86 -6.00
CA LYS F 56 -6.91 6.69 -5.96
C LYS F 56 -5.69 5.97 -5.38
N HIS F 57 -5.89 5.08 -4.41
CA HIS F 57 -4.77 4.31 -3.83
C HIS F 57 -4.03 3.47 -4.87
N ALA F 58 -4.70 3.19 -5.99
CA ALA F 58 -4.09 2.40 -7.07
C ALA F 58 -3.43 3.30 -8.14
N ILE F 59 -3.59 4.61 -8.02
CA ILE F 59 -3.10 5.52 -9.04
C ILE F 59 -1.72 6.01 -8.66
N SER F 60 -0.85 6.04 -9.65
CA SER F 60 0.42 6.71 -9.47
C SER F 60 0.40 8.11 -10.01
N THR F 61 -0.13 8.32 -11.21
CA THR F 61 -0.07 9.63 -11.84
C THR F 61 -1.26 9.92 -12.75
N VAL F 62 -1.64 11.20 -12.81
CA VAL F 62 -2.69 11.70 -13.69
C VAL F 62 -2.10 12.86 -14.50
N VAL F 63 -2.32 12.81 -15.81
CA VAL F 63 -1.79 13.80 -16.75
C VAL F 63 -2.71 13.85 -17.96
N PRO F 64 -2.98 15.06 -18.53
CA PRO F 64 -3.80 15.12 -19.78
C PRO F 64 -3.17 14.29 -20.90
N SER F 65 -3.97 13.66 -21.75
CA SER F 65 -3.43 12.82 -22.83
C SER F 65 -2.85 13.63 -24.00
#